data_3SMI
#
_entry.id   3SMI
#
_cell.length_a   40.565
_cell.length_b   66.417
_cell.length_c   145.146
_cell.angle_alpha   90.00
_cell.angle_beta   90.00
_cell.angle_gamma   90.00
#
_symmetry.space_group_name_H-M   'P 21 21 21'
#
loop_
_entity.id
_entity.type
_entity.pdbx_description
1 polymer 'Poly [ADP-ribose] polymerase 14'
2 non-polymer 2-{[(3-amino-1H-1,2,4-triazol-5-yl)sulfanyl]methyl}-8-methylquinazolin-4(3H)-one
3 water water
#
_entity_poly.entity_id   1
_entity_poly.type   'polypeptide(L)'
_entity_poly.pdbx_seq_one_letter_code
;SMDMKQQNFCVVELLPSDPEYNTVASKFNQTCSHFRIEKIERIQNPDLWNSYQAKKKTMDAKNGQTMNEKQLFHGTDAGS
VPHVNRNGFNRSYAGKNAVAYGKGTYFAVNANYSANDTYSRPDANGRKHVYYVRVLTGIYTHGNHSLIVPPSKNPQNPTD
LYDTVTDNVHHPSLFVAFYDYQAYPEYLITFRK
;
_entity_poly.pdbx_strand_id   A,B
#
# COMPACT_ATOMS: atom_id res chain seq x y z
N GLN A 7 9.63 -1.15 10.73
CA GLN A 7 8.79 -1.74 9.69
C GLN A 7 8.76 -0.90 8.42
N ASN A 8 9.85 -0.23 8.07
CA ASN A 8 9.94 0.64 6.91
C ASN A 8 10.26 -0.11 5.65
N PHE A 9 9.92 0.45 4.52
CA PHE A 9 10.09 -0.22 3.23
C PHE A 9 10.09 0.80 2.08
N CYS A 10 10.51 0.36 0.89
CA CYS A 10 10.52 1.16 -0.33
C CYS A 10 9.93 0.32 -1.46
N VAL A 11 9.09 0.93 -2.29
CA VAL A 11 8.46 0.24 -3.42
C VAL A 11 9.10 0.81 -4.71
N VAL A 12 9.80 -0.06 -5.46
CA VAL A 12 10.51 0.31 -6.68
C VAL A 12 9.83 -0.39 -7.86
N GLU A 13 9.34 0.40 -8.81
CA GLU A 13 8.67 -0.08 -10.00
C GLU A 13 9.71 -0.49 -11.06
N LEU A 14 9.49 -1.64 -11.70
CA LEU A 14 10.37 -2.15 -12.75
C LEU A 14 9.83 -1.81 -14.13
N LEU A 15 10.74 -1.38 -14.98
CA LEU A 15 10.50 -1.17 -16.37
C LEU A 15 10.56 -2.46 -17.15
N PRO A 16 9.69 -2.60 -18.12
CA PRO A 16 9.66 -3.76 -18.99
C PRO A 16 11.01 -4.04 -19.60
N SER A 17 11.77 -2.98 -19.80
CA SER A 17 13.00 -3.07 -20.54
C SER A 17 13.91 -3.88 -19.71
N ASP A 18 13.45 -4.14 -18.52
CA ASP A 18 14.25 -4.68 -17.46
C ASP A 18 14.29 -6.17 -17.47
N PRO A 19 15.46 -6.70 -17.19
CA PRO A 19 15.65 -8.14 -17.09
C PRO A 19 14.90 -8.68 -15.91
N GLU A 20 15.03 -8.05 -14.77
CA GLU A 20 14.33 -8.53 -13.62
C GLU A 20 12.85 -8.61 -13.88
N TYR A 21 12.33 -7.68 -14.67
CA TYR A 21 10.92 -7.63 -15.05
C TYR A 21 10.57 -8.89 -15.85
N ASN A 22 11.36 -9.17 -16.92
CA ASN A 22 11.21 -10.30 -17.84
C ASN A 22 11.27 -11.65 -17.12
N THR A 23 12.07 -11.77 -16.04
CA THR A 23 12.21 -12.98 -15.24
C THR A 23 10.88 -13.26 -14.49
N VAL A 24 10.35 -12.24 -13.80
CA VAL A 24 9.09 -12.33 -13.03
C VAL A 24 7.90 -12.49 -13.99
N ALA A 25 7.92 -11.77 -15.12
CA ALA A 25 6.87 -11.80 -16.14
C ALA A 25 6.76 -13.16 -16.82
N SER A 26 7.87 -13.73 -17.22
CA SER A 26 7.83 -14.95 -17.94
C SER A 26 7.35 -16.04 -17.03
N LYS A 27 7.74 -15.96 -15.79
CA LYS A 27 7.27 -16.89 -14.82
C LYS A 27 5.78 -16.82 -14.59
N PHE A 28 5.24 -15.62 -14.60
CA PHE A 28 3.83 -15.36 -14.47
C PHE A 28 3.04 -15.82 -15.69
N ASN A 29 3.60 -15.56 -16.85
CA ASN A 29 2.99 -15.81 -18.15
C ASN A 29 2.95 -17.30 -18.55
N GLN A 30 3.56 -18.19 -17.74
CA GLN A 30 3.51 -19.64 -17.97
C GLN A 30 2.07 -20.16 -17.87
N THR A 31 1.27 -19.55 -16.96
CA THR A 31 -0.13 -19.92 -16.73
C THR A 31 -1.09 -18.72 -16.84
N CYS A 32 -0.58 -17.46 -16.74
CA CYS A 32 -1.44 -16.28 -16.79
C CYS A 32 -1.07 -15.30 -17.94
N SER A 33 -0.75 -15.83 -19.15
CA SER A 33 -0.39 -15.00 -20.31
C SER A 33 -1.59 -14.21 -20.84
N HIS A 34 -2.82 -14.72 -20.64
CA HIS A 34 -4.10 -14.13 -21.05
C HIS A 34 -4.41 -12.83 -20.29
N PHE A 35 -3.81 -12.64 -19.09
CA PHE A 35 -3.96 -11.42 -18.28
C PHE A 35 -3.01 -10.33 -18.80
N ARG A 36 -3.33 -9.06 -18.51
CA ARG A 36 -2.52 -7.90 -18.92
C ARG A 36 -1.75 -7.37 -17.73
N ILE A 37 -0.40 -7.44 -17.76
CA ILE A 37 0.42 -6.92 -16.65
C ILE A 37 0.52 -5.39 -16.78
N GLU A 38 0.12 -4.66 -15.72
CA GLU A 38 0.16 -3.19 -15.67
C GLU A 38 1.53 -2.75 -15.15
N LYS A 39 2.00 -3.35 -14.02
CA LYS A 39 3.31 -3.08 -13.43
C LYS A 39 3.76 -4.22 -12.49
N ILE A 40 5.06 -4.34 -12.31
CA ILE A 40 5.69 -5.24 -11.39
C ILE A 40 6.59 -4.43 -10.49
N GLU A 41 6.39 -4.48 -9.19
CA GLU A 41 7.28 -3.78 -8.28
C GLU A 41 8.04 -4.68 -7.30
N ARG A 42 9.29 -4.31 -7.08
CA ARG A 42 10.15 -4.85 -6.07
C ARG A 42 9.91 -4.15 -4.74
N ILE A 43 9.53 -4.92 -3.75
CA ILE A 43 9.34 -4.42 -2.42
C ILE A 43 10.63 -4.50 -1.59
N GLN A 44 11.10 -3.39 -1.09
CA GLN A 44 12.30 -3.40 -0.30
C GLN A 44 12.07 -3.04 1.13
N ASN A 45 11.95 -4.05 1.96
CA ASN A 45 11.77 -3.91 3.37
C ASN A 45 12.91 -4.59 4.07
N PRO A 46 13.87 -3.81 4.51
CA PRO A 46 15.17 -4.31 4.97
C PRO A 46 15.13 -5.19 6.21
N ASP A 47 14.35 -4.81 7.19
CA ASP A 47 14.19 -5.56 8.44
C ASP A 47 13.55 -6.93 8.22
N LEU A 48 12.55 -7.01 7.34
CA LEU A 48 11.84 -8.26 7.00
C LEU A 48 12.75 -9.20 6.17
N TRP A 49 13.57 -8.63 5.29
CA TRP A 49 14.53 -9.35 4.44
C TRP A 49 15.62 -9.96 5.30
N ASN A 50 16.16 -9.19 6.28
CA ASN A 50 17.21 -9.61 7.21
C ASN A 50 16.73 -10.77 8.10
N SER A 51 15.47 -10.70 8.56
CA SER A 51 14.85 -11.73 9.42
C SER A 51 14.59 -13.00 8.61
N TYR A 52 14.23 -12.84 7.32
CA TYR A 52 13.99 -13.93 6.37
C TYR A 52 15.29 -14.66 6.08
N GLN A 53 16.40 -13.92 5.88
CA GLN A 53 17.72 -14.47 5.60
C GLN A 53 18.31 -15.15 6.85
N ALA A 54 17.88 -14.71 8.05
CA ALA A 54 18.28 -15.30 9.33
C ALA A 54 17.65 -16.69 9.48
N LYS A 55 16.40 -16.85 8.95
CA LYS A 55 15.69 -18.12 8.96
C LYS A 55 16.24 -19.03 7.86
N LYS A 56 16.65 -18.45 6.71
CA LYS A 56 17.25 -19.20 5.58
C LYS A 56 18.60 -19.78 6.00
N LYS A 57 19.45 -19.00 6.70
CA LYS A 57 20.78 -19.41 7.16
C LYS A 57 20.65 -20.55 8.21
N THR A 58 19.58 -20.53 9.02
CA THR A 58 19.28 -21.55 10.03
C THR A 58 18.84 -22.84 9.32
N MET A 59 17.90 -22.71 8.35
CA MET A 59 17.36 -23.84 7.58
C MET A 59 18.42 -24.54 6.71
N ASP A 60 19.30 -23.77 6.04
CA ASP A 60 20.36 -24.31 5.17
C ASP A 60 21.36 -25.16 5.95
N ALA A 61 21.64 -24.79 7.21
CA ALA A 61 22.56 -25.49 8.11
C ALA A 61 21.79 -26.51 8.98
N LYS A 62 20.69 -27.08 8.45
CA LYS A 62 19.82 -28.02 9.14
C LYS A 62 19.32 -29.16 8.23
N ASN A 63 18.84 -28.82 7.01
CA ASN A 63 18.23 -29.78 6.09
C ASN A 63 19.17 -30.41 5.02
N GLY A 64 20.48 -30.20 5.16
CA GLY A 64 21.49 -30.75 4.25
C GLY A 64 21.37 -30.33 2.79
N GLN A 65 21.33 -31.33 1.89
CA GLN A 65 21.26 -31.17 0.42
C GLN A 65 19.95 -30.50 -0.08
N THR A 66 18.92 -30.41 0.79
CA THR A 66 17.60 -29.84 0.46
C THR A 66 17.68 -28.39 -0.02
N MET A 67 16.98 -28.09 -1.13
CA MET A 67 16.84 -26.74 -1.67
C MET A 67 15.63 -26.15 -0.94
N ASN A 68 15.90 -25.47 0.18
CA ASN A 68 14.92 -24.90 1.11
C ASN A 68 14.07 -23.79 0.53
N GLU A 69 14.56 -23.07 -0.49
CA GLU A 69 13.85 -21.92 -1.05
C GLU A 69 13.16 -22.22 -2.38
N LYS A 70 11.94 -21.67 -2.52
CA LYS A 70 11.10 -21.74 -3.71
C LYS A 70 10.51 -20.36 -3.99
N GLN A 71 10.30 -20.04 -5.26
CA GLN A 71 9.69 -18.76 -5.63
C GLN A 71 8.25 -19.07 -6.00
N LEU A 72 7.33 -18.72 -5.08
CA LEU A 72 5.90 -19.05 -5.19
C LEU A 72 5.02 -17.79 -5.30
N PHE A 73 3.73 -17.99 -5.64
CA PHE A 73 2.76 -16.91 -5.85
C PHE A 73 1.72 -16.80 -4.73
N HIS A 74 1.30 -15.55 -4.44
CA HIS A 74 0.28 -15.26 -3.44
C HIS A 74 -0.61 -14.11 -3.91
N GLY A 75 -1.84 -14.46 -4.24
CA GLY A 75 -2.86 -13.50 -4.64
C GLY A 75 -3.57 -12.95 -3.42
N THR A 76 -3.81 -11.64 -3.40
CA THR A 76 -4.49 -10.98 -2.28
C THR A 76 -5.24 -9.74 -2.75
N ASP A 77 -6.20 -9.27 -1.92
CA ASP A 77 -6.97 -8.06 -2.18
C ASP A 77 -6.06 -6.84 -2.05
N ALA A 78 -6.38 -5.75 -2.78
CA ALA A 78 -5.63 -4.49 -2.81
C ALA A 78 -5.44 -3.88 -1.40
N GLY A 79 -6.39 -4.12 -0.51
CA GLY A 79 -6.38 -3.62 0.87
C GLY A 79 -5.32 -4.24 1.75
N SER A 80 -4.91 -5.49 1.43
CA SER A 80 -3.88 -6.22 2.17
C SER A 80 -2.45 -5.85 1.74
N VAL A 81 -2.28 -5.26 0.54
CA VAL A 81 -0.98 -4.86 -0.03
C VAL A 81 -0.18 -3.97 0.96
N PRO A 82 -0.69 -2.90 1.55
CA PRO A 82 0.12 -2.14 2.49
C PRO A 82 0.55 -2.94 3.69
N HIS A 83 -0.31 -3.81 4.14
CA HIS A 83 0.01 -4.71 5.22
C HIS A 83 1.12 -5.72 4.95
N VAL A 84 1.16 -6.29 3.76
CA VAL A 84 2.13 -7.29 3.44
C VAL A 84 3.42 -6.60 3.16
N ASN A 85 3.33 -5.40 2.67
CA ASN A 85 4.51 -4.64 2.38
C ASN A 85 5.30 -4.35 3.65
N ARG A 86 4.63 -4.18 4.78
CA ARG A 86 5.32 -3.90 5.99
C ARG A 86 5.46 -5.06 6.99
N ASN A 87 4.58 -6.03 6.97
CA ASN A 87 4.65 -7.08 7.93
C ASN A 87 4.96 -8.43 7.35
N GLY A 88 4.88 -8.57 6.05
CA GLY A 88 4.95 -9.85 5.41
C GLY A 88 3.66 -10.63 5.57
N PHE A 89 3.79 -11.93 5.59
CA PHE A 89 2.65 -12.79 5.73
C PHE A 89 2.53 -13.19 7.19
N ASN A 90 2.31 -12.14 7.96
CA ASN A 90 2.21 -12.03 9.41
C ASN A 90 1.14 -12.95 10.02
N ARG A 91 1.17 -13.08 11.36
CA ARG A 91 0.20 -13.86 12.16
C ARG A 91 -1.19 -13.21 12.12
N SER A 92 -1.25 -11.85 12.08
CA SER A 92 -2.51 -11.10 12.00
C SER A 92 -3.08 -11.08 10.56
N TYR A 93 -2.33 -11.69 9.61
CA TYR A 93 -2.74 -11.82 8.20
C TYR A 93 -3.39 -13.20 7.99
N ALA A 94 -2.68 -14.28 8.40
CA ALA A 94 -3.09 -15.68 8.26
C ALA A 94 -4.39 -15.99 9.01
N ALA A 100 -9.38 -27.99 3.78
CA ALA A 100 -8.19 -27.17 4.02
C ALA A 100 -6.98 -28.04 4.42
N TYR A 101 -5.77 -27.49 4.23
CA TYR A 101 -4.50 -28.17 4.55
C TYR A 101 -3.83 -27.55 5.80
N GLY A 102 -4.49 -26.56 6.40
CA GLY A 102 -4.00 -25.89 7.61
C GLY A 102 -4.49 -24.47 7.77
N LYS A 103 -4.13 -23.84 8.90
CA LYS A 103 -4.48 -22.47 9.25
C LYS A 103 -3.23 -21.57 9.20
N GLY A 104 -2.66 -21.48 8.00
CA GLY A 104 -1.48 -20.68 7.69
C GLY A 104 -1.67 -19.88 6.42
N THR A 105 -0.56 -19.50 5.76
CA THR A 105 -0.62 -18.73 4.51
C THR A 105 -0.27 -19.65 3.34
N TYR A 106 -1.15 -19.69 2.34
CA TYR A 106 -1.00 -20.53 1.15
C TYR A 106 -0.18 -19.83 0.07
N PHE A 107 0.75 -20.57 -0.56
CA PHE A 107 1.60 -20.11 -1.66
C PHE A 107 1.55 -21.14 -2.78
N ALA A 108 1.27 -20.71 -4.01
CA ALA A 108 1.12 -21.57 -5.17
C ALA A 108 2.37 -21.65 -6.05
N VAL A 109 2.59 -22.84 -6.65
CA VAL A 109 3.69 -23.13 -7.57
C VAL A 109 3.47 -22.30 -8.87
N ASN A 110 2.25 -22.34 -9.42
CA ASN A 110 1.88 -21.60 -10.62
C ASN A 110 0.97 -20.42 -10.26
N ALA A 111 1.06 -19.32 -11.03
CA ALA A 111 0.31 -18.08 -10.78
C ALA A 111 -1.21 -18.23 -10.96
N ASN A 112 -1.67 -19.20 -11.80
CA ASN A 112 -3.09 -19.46 -12.09
C ASN A 112 -3.96 -19.59 -10.83
N TYR A 113 -3.47 -20.29 -9.78
CA TYR A 113 -4.16 -20.45 -8.49
C TYR A 113 -4.35 -19.10 -7.81
N SER A 114 -3.29 -18.27 -7.81
CA SER A 114 -3.24 -16.95 -7.20
C SER A 114 -4.02 -15.91 -8.02
N ALA A 115 -4.13 -16.09 -9.35
CA ALA A 115 -4.86 -15.18 -10.24
C ALA A 115 -6.38 -15.37 -10.11
N ASN A 116 -6.83 -16.22 -9.17
CA ASN A 116 -8.26 -16.46 -8.92
C ASN A 116 -8.85 -15.24 -8.23
N ASP A 117 -10.03 -14.79 -8.72
CA ASP A 117 -10.76 -13.59 -8.23
C ASP A 117 -11.11 -13.66 -6.74
N THR A 118 -11.24 -14.87 -6.15
CA THR A 118 -11.55 -15.03 -4.73
C THR A 118 -10.32 -14.69 -3.87
N TYR A 119 -9.11 -14.85 -4.44
CA TYR A 119 -7.85 -14.57 -3.75
C TYR A 119 -7.38 -13.17 -4.14
N SER A 120 -7.00 -12.97 -5.42
CA SER A 120 -6.57 -11.66 -5.93
C SER A 120 -7.78 -10.86 -6.38
N ARG A 121 -8.66 -10.53 -5.40
CA ARG A 121 -9.91 -9.79 -5.58
C ARG A 121 -9.74 -8.54 -6.44
N PRO A 122 -10.46 -8.45 -7.59
CA PRO A 122 -10.36 -7.23 -8.40
C PRO A 122 -10.90 -6.05 -7.61
N ASP A 123 -10.11 -4.95 -7.52
CA ASP A 123 -10.51 -3.76 -6.78
C ASP A 123 -11.57 -2.96 -7.58
N ALA A 124 -11.97 -1.84 -7.02
CA ALA A 124 -12.93 -0.96 -7.63
C ALA A 124 -12.49 -0.48 -8.99
N ASN A 125 -11.21 -0.50 -9.26
CA ASN A 125 -10.73 -0.19 -10.58
C ASN A 125 -10.46 -1.42 -11.39
N GLY A 126 -10.70 -2.57 -10.79
CA GLY A 126 -10.56 -3.84 -11.46
C GLY A 126 -9.16 -4.33 -11.61
N ARG A 127 -8.26 -3.82 -10.79
CA ARG A 127 -6.89 -4.31 -10.68
C ARG A 127 -6.74 -5.48 -9.74
N LYS A 128 -5.85 -6.38 -10.12
CA LYS A 128 -5.57 -7.59 -9.36
C LYS A 128 -4.17 -7.63 -8.82
N HIS A 129 -4.01 -8.20 -7.64
CA HIS A 129 -2.72 -8.30 -6.97
C HIS A 129 -2.15 -9.66 -6.62
N VAL A 130 -1.03 -9.95 -7.23
CA VAL A 130 -0.29 -11.17 -6.96
C VAL A 130 1.20 -10.94 -6.58
N TYR A 131 1.58 -11.46 -5.43
CA TYR A 131 2.98 -11.40 -4.98
C TYR A 131 3.75 -12.61 -5.48
N TYR A 132 5.02 -12.40 -5.89
CA TYR A 132 5.95 -13.46 -6.30
C TYR A 132 6.97 -13.52 -5.17
N VAL A 133 6.66 -14.39 -4.19
CA VAL A 133 7.25 -14.58 -2.86
C VAL A 133 8.41 -15.59 -2.79
N ARG A 134 9.46 -15.23 -2.06
CA ARG A 134 10.57 -16.13 -1.73
C ARG A 134 10.09 -16.90 -0.50
N VAL A 135 9.82 -18.22 -0.63
CA VAL A 135 9.27 -19.03 0.47
C VAL A 135 10.26 -20.13 0.86
N LEU A 136 10.52 -20.26 2.18
CA LEU A 136 11.38 -21.28 2.77
C LEU A 136 10.53 -22.52 3.05
N THR A 137 10.34 -23.32 2.00
CA THR A 137 9.54 -24.55 2.03
C THR A 137 10.22 -25.66 2.84
N GLY A 138 11.56 -25.72 2.79
CA GLY A 138 12.38 -26.70 3.51
C GLY A 138 11.96 -28.15 3.30
N ILE A 139 11.65 -28.85 4.41
CA ILE A 139 11.16 -30.23 4.42
C ILE A 139 9.66 -30.16 4.67
N TYR A 140 8.86 -30.73 3.76
CA TYR A 140 7.41 -30.68 3.82
C TYR A 140 6.74 -32.06 3.69
N THR A 141 5.53 -32.18 4.26
CA THR A 141 4.65 -33.35 4.26
C THR A 141 3.22 -32.92 3.81
N HIS A 142 2.26 -33.87 3.79
CA HIS A 142 0.86 -33.60 3.47
C HIS A 142 0.19 -32.94 4.70
N GLY A 143 -0.77 -32.05 4.46
CA GLY A 143 -1.47 -31.33 5.52
C GLY A 143 -2.91 -31.74 5.76
N ASN A 144 -3.54 -31.13 6.79
CA ASN A 144 -4.94 -31.38 7.18
C ASN A 144 -5.60 -30.12 7.80
N HIS A 145 -6.95 -30.10 7.75
CA HIS A 145 -7.88 -29.05 8.19
C HIS A 145 -7.65 -28.48 9.61
N SER A 146 -7.35 -29.35 10.59
CA SER A 146 -7.19 -28.99 12.01
C SER A 146 -5.83 -28.33 12.35
N LEU A 147 -4.85 -28.34 11.41
CA LEU A 147 -3.52 -27.78 11.64
C LEU A 147 -3.53 -26.26 11.83
N ILE A 148 -2.96 -25.80 12.95
CA ILE A 148 -2.78 -24.39 13.32
C ILE A 148 -1.28 -24.10 13.19
N VAL A 149 -0.47 -25.15 13.40
CA VAL A 149 0.98 -25.25 13.31
C VAL A 149 1.31 -26.54 12.50
N PRO A 150 2.53 -26.75 11.93
CA PRO A 150 2.76 -27.98 11.15
C PRO A 150 2.80 -29.24 12.04
N PRO A 151 2.50 -30.46 11.51
CA PRO A 151 2.52 -31.65 12.38
C PRO A 151 3.93 -32.12 12.72
N SER A 152 4.04 -32.89 13.80
CA SER A 152 5.31 -33.46 14.29
C SER A 152 5.79 -34.57 13.34
N LYS A 153 7.13 -34.72 13.22
CA LYS A 153 7.76 -35.71 12.33
C LYS A 153 7.59 -37.13 12.90
N ASN A 154 7.99 -37.36 14.17
CA ASN A 154 7.89 -38.66 14.84
C ASN A 154 6.97 -38.57 16.06
N ASP A 160 10.84 -32.64 16.75
CA ASP A 160 10.67 -31.45 15.94
C ASP A 160 9.64 -31.66 14.83
N LEU A 161 9.28 -30.61 14.11
CA LEU A 161 8.27 -30.69 13.06
C LEU A 161 8.83 -30.34 11.70
N TYR A 162 8.02 -30.42 10.65
CA TYR A 162 8.37 -30.03 9.27
C TYR A 162 8.30 -28.53 9.06
N ASP A 163 8.84 -28.03 7.97
CA ASP A 163 8.87 -26.62 7.71
C ASP A 163 7.58 -26.07 7.12
N THR A 164 6.99 -26.78 6.18
CA THR A 164 5.72 -26.43 5.54
C THR A 164 4.87 -27.67 5.29
N VAL A 165 3.64 -27.49 4.78
CA VAL A 165 2.76 -28.60 4.38
C VAL A 165 2.30 -28.33 2.95
N THR A 166 2.10 -29.42 2.18
CA THR A 166 1.71 -29.35 0.77
C THR A 166 0.48 -30.22 0.51
N ASP A 167 -0.17 -30.00 -0.65
CA ASP A 167 -1.35 -30.76 -1.06
C ASP A 167 -0.97 -32.15 -1.56
N ASN A 168 0.22 -32.28 -2.19
CA ASN A 168 0.79 -33.49 -2.77
C ASN A 168 2.32 -33.40 -2.63
N VAL A 169 2.92 -34.34 -1.89
CA VAL A 169 4.35 -34.36 -1.54
C VAL A 169 5.27 -34.51 -2.79
N HIS A 170 4.96 -35.44 -3.70
CA HIS A 170 5.83 -35.67 -4.85
C HIS A 170 5.47 -34.82 -6.09
N HIS A 171 4.23 -34.31 -6.17
CA HIS A 171 3.83 -33.41 -7.25
C HIS A 171 3.05 -32.21 -6.65
N PRO A 172 3.78 -31.26 -6.00
CA PRO A 172 3.09 -30.14 -5.34
C PRO A 172 2.66 -29.01 -6.25
N SER A 173 1.50 -28.43 -5.91
CA SER A 173 0.94 -27.27 -6.64
C SER A 173 0.78 -26.08 -5.66
N LEU A 174 0.88 -26.34 -4.32
CA LEU A 174 0.81 -25.31 -3.28
C LEU A 174 1.55 -25.73 -2.00
N PHE A 175 1.98 -24.72 -1.20
CA PHE A 175 2.67 -24.85 0.08
C PHE A 175 2.03 -23.95 1.11
N VAL A 176 1.96 -24.41 2.38
CA VAL A 176 1.38 -23.63 3.48
C VAL A 176 2.47 -23.40 4.55
N ALA A 177 2.72 -22.15 4.85
CA ALA A 177 3.70 -21.72 5.81
C ALA A 177 3.04 -21.27 7.05
N PHE A 178 3.69 -21.49 8.18
CA PHE A 178 3.08 -21.28 9.47
C PHE A 178 3.76 -20.23 10.33
N TYR A 179 5.01 -19.90 10.07
CA TYR A 179 5.65 -18.92 10.92
C TYR A 179 6.14 -17.72 10.18
N ASP A 180 6.29 -16.63 10.87
CA ASP A 180 6.80 -15.46 10.21
C ASP A 180 8.27 -15.58 9.87
N TYR A 181 8.62 -14.88 8.81
CA TYR A 181 9.96 -14.85 8.32
C TYR A 181 10.26 -16.01 7.46
N GLN A 182 9.24 -16.81 7.20
CA GLN A 182 9.36 -18.02 6.37
C GLN A 182 9.12 -17.66 4.89
N ALA A 183 8.62 -16.44 4.65
CA ALA A 183 8.30 -15.91 3.32
C ALA A 183 8.67 -14.43 3.20
N TYR A 184 9.20 -14.03 2.02
CA TYR A 184 9.53 -12.62 1.74
C TYR A 184 8.77 -12.18 0.47
N PRO A 185 7.88 -11.15 0.58
CA PRO A 185 7.13 -10.70 -0.61
C PRO A 185 8.00 -9.82 -1.50
N GLU A 186 8.88 -10.47 -2.29
CA GLU A 186 9.87 -9.82 -3.15
C GLU A 186 9.25 -8.94 -4.21
N TYR A 187 8.38 -9.51 -5.05
CA TYR A 187 7.75 -8.75 -6.11
C TYR A 187 6.23 -8.72 -5.95
N LEU A 188 5.61 -7.65 -6.48
CA LEU A 188 4.16 -7.48 -6.52
C LEU A 188 3.74 -7.22 -7.97
N ILE A 189 2.88 -8.08 -8.50
CA ILE A 189 2.38 -7.99 -9.87
C ILE A 189 0.98 -7.39 -9.85
N THR A 190 0.80 -6.25 -10.52
CA THR A 190 -0.48 -5.56 -10.66
C THR A 190 -0.90 -5.75 -12.10
N PHE A 191 -2.04 -6.39 -12.29
CA PHE A 191 -2.56 -6.76 -13.59
C PHE A 191 -4.09 -6.70 -13.63
N ARG A 192 -4.67 -6.85 -14.84
CA ARG A 192 -6.12 -6.87 -15.08
C ARG A 192 -6.43 -7.92 -16.16
N LYS A 193 -7.73 -8.30 -16.29
CA LYS A 193 -8.22 -9.28 -17.27
C LYS A 193 -8.07 -8.77 -18.71
N GLN B 6 8.10 7.45 -13.36
CA GLN B 6 8.75 6.66 -12.32
C GLN B 6 7.90 6.73 -11.03
N GLN B 7 8.07 7.82 -10.23
CA GLN B 7 7.37 8.17 -8.98
C GLN B 7 7.45 7.04 -7.89
N ASN B 8 8.66 6.45 -7.71
CA ASN B 8 8.91 5.43 -6.68
C ASN B 8 8.81 6.08 -5.30
N PHE B 9 8.54 5.29 -4.25
CA PHE B 9 8.34 5.86 -2.92
C PHE B 9 8.82 4.95 -1.80
N CYS B 10 9.04 5.55 -0.63
CA CYS B 10 9.39 4.88 0.62
C CYS B 10 8.39 5.28 1.69
N VAL B 11 8.17 4.39 2.68
CA VAL B 11 7.26 4.64 3.78
C VAL B 11 8.08 4.49 5.05
N VAL B 12 8.12 5.50 5.87
CA VAL B 12 8.93 5.54 7.04
C VAL B 12 8.11 6.00 8.22
N GLU B 13 8.07 5.23 9.30
CA GLU B 13 7.32 5.59 10.49
C GLU B 13 7.77 6.87 11.17
N LEU B 14 6.83 7.68 11.56
CA LEU B 14 7.05 8.78 12.42
C LEU B 14 6.85 8.28 13.85
N LEU B 15 7.88 8.46 14.65
CA LEU B 15 7.89 8.05 16.02
C LEU B 15 7.81 9.28 16.90
N PRO B 16 7.26 9.14 18.09
CA PRO B 16 7.08 10.23 19.03
C PRO B 16 8.35 11.00 19.33
N SER B 17 9.50 10.38 19.19
CA SER B 17 10.76 11.10 19.34
C SER B 17 10.94 12.17 18.25
N ASP B 18 10.29 12.00 17.07
CA ASP B 18 10.35 12.95 15.95
C ASP B 18 9.70 14.31 16.31
N PRO B 19 10.28 15.45 15.84
CA PRO B 19 9.70 16.77 16.20
C PRO B 19 8.33 17.06 15.58
N GLU B 20 8.04 16.42 14.46
CA GLU B 20 6.78 16.55 13.77
C GLU B 20 5.66 15.82 14.44
N TYR B 21 5.99 14.71 15.08
CA TYR B 21 5.01 13.85 15.70
C TYR B 21 3.96 14.54 16.55
N ASN B 22 4.36 15.44 17.42
CA ASN B 22 3.42 16.10 18.30
C ASN B 22 2.42 16.92 17.54
N THR B 23 2.89 17.62 16.53
CA THR B 23 2.08 18.41 15.66
C THR B 23 1.06 17.59 14.93
N VAL B 24 1.51 16.58 14.21
CA VAL B 24 0.58 15.74 13.49
C VAL B 24 -0.49 15.11 14.36
N ALA B 25 -0.14 14.61 15.51
CA ALA B 25 -1.08 13.87 16.27
C ALA B 25 -2.05 14.74 17.01
N SER B 26 -1.60 15.90 17.44
CA SER B 26 -2.49 16.82 18.10
C SER B 26 -3.54 17.44 17.19
N LYS B 27 -3.13 17.68 15.96
CA LYS B 27 -4.03 18.14 14.94
C LYS B 27 -5.11 17.13 14.72
N PHE B 28 -4.70 15.90 14.58
CA PHE B 28 -5.60 14.80 14.42
C PHE B 28 -6.48 14.70 15.63
N ASN B 29 -5.86 14.79 16.78
CA ASN B 29 -6.54 14.54 18.01
C ASN B 29 -7.48 15.64 18.44
N GLN B 30 -7.46 16.77 17.74
CA GLN B 30 -8.34 17.92 17.99
C GLN B 30 -9.81 17.53 17.83
N THR B 31 -10.09 16.60 16.88
CA THR B 31 -11.44 16.12 16.59
C THR B 31 -11.57 14.57 16.66
N CYS B 32 -10.44 13.84 16.70
CA CYS B 32 -10.44 12.37 16.74
C CYS B 32 -9.83 11.78 18.03
N SER B 33 -9.85 12.53 19.15
CA SER B 33 -9.31 12.10 20.46
C SER B 33 -9.94 10.78 20.97
N HIS B 34 -11.15 10.44 20.50
CA HIS B 34 -11.87 9.21 20.87
C HIS B 34 -11.33 7.98 20.10
N PHE B 35 -10.59 8.20 18.99
CA PHE B 35 -9.98 7.13 18.20
C PHE B 35 -8.59 6.81 18.76
N ARG B 36 -8.09 5.60 18.49
CA ARG B 36 -6.78 5.13 18.93
C ARG B 36 -5.79 5.08 17.77
N ILE B 37 -4.77 5.95 17.80
CA ILE B 37 -3.71 6.00 16.78
C ILE B 37 -2.84 4.75 16.91
N GLU B 38 -2.66 4.02 15.80
CA GLU B 38 -1.84 2.80 15.75
C GLU B 38 -0.45 3.09 15.18
N LYS B 39 -0.37 4.01 14.24
CA LYS B 39 0.86 4.35 13.54
C LYS B 39 0.73 5.67 12.77
N ILE B 40 1.85 6.37 12.59
CA ILE B 40 1.94 7.54 11.74
C ILE B 40 3.17 7.42 10.86
N GLU B 41 3.03 7.70 9.58
CA GLU B 41 3.99 7.38 8.57
C GLU B 41 4.28 8.46 7.55
N ARG B 42 5.53 8.72 7.30
CA ARG B 42 5.89 9.58 6.24
C ARG B 42 5.93 8.87 4.94
N ILE B 43 5.26 9.44 3.95
CA ILE B 43 5.36 9.01 2.58
C ILE B 43 6.39 9.87 1.91
N GLN B 44 7.38 9.21 1.36
CA GLN B 44 8.45 9.87 0.71
C GLN B 44 8.53 9.51 -0.74
N ASN B 45 7.97 10.35 -1.59
CA ASN B 45 7.93 10.19 -3.02
C ASN B 45 8.58 11.39 -3.65
N PRO B 46 9.84 11.31 -3.98
CA PRO B 46 10.57 12.48 -4.41
C PRO B 46 9.96 13.20 -5.60
N ASP B 47 9.45 12.49 -6.59
CA ASP B 47 9.02 13.07 -7.81
C ASP B 47 7.72 13.83 -7.66
N LEU B 48 6.79 13.20 -6.96
CA LEU B 48 5.55 13.77 -6.51
C LEU B 48 5.77 15.01 -5.68
N TRP B 49 6.78 14.96 -4.85
CA TRP B 49 7.08 16.05 -3.99
C TRP B 49 7.64 17.23 -4.74
N ASN B 50 8.52 16.97 -5.68
CA ASN B 50 9.10 18.00 -6.46
C ASN B 50 8.12 18.58 -7.46
N SER B 51 7.10 17.84 -7.80
CA SER B 51 6.14 18.29 -8.74
C SER B 51 5.16 19.18 -8.04
N TYR B 52 4.96 18.89 -6.82
CA TYR B 52 4.07 19.65 -5.94
C TYR B 52 4.72 20.99 -5.59
N GLN B 53 6.03 20.95 -5.24
CA GLN B 53 6.83 22.12 -4.87
C GLN B 53 6.94 23.12 -6.02
N ALA B 54 7.05 22.61 -7.27
CA ALA B 54 7.12 23.43 -8.49
C ALA B 54 5.81 24.22 -8.66
N LYS B 55 4.66 23.58 -8.35
CA LYS B 55 3.32 24.19 -8.40
C LYS B 55 3.20 25.25 -7.30
N LYS B 56 3.70 24.94 -6.08
CA LYS B 56 3.68 25.87 -4.94
C LYS B 56 4.48 27.14 -5.27
N LYS B 57 5.68 26.98 -5.87
CA LYS B 57 6.55 28.09 -6.27
C LYS B 57 5.81 29.02 -7.25
N THR B 58 5.05 28.44 -8.21
CA THR B 58 4.24 29.14 -9.21
C THR B 58 3.09 29.90 -8.53
N MET B 59 2.39 29.23 -7.59
CA MET B 59 1.25 29.82 -6.87
C MET B 59 1.69 30.95 -5.96
N ASP B 60 2.84 30.80 -5.27
CA ASP B 60 3.42 31.81 -4.38
C ASP B 60 3.83 33.08 -5.16
N ALA B 61 4.26 32.92 -6.43
CA ALA B 61 4.68 34.01 -7.31
C ALA B 61 3.49 34.66 -8.06
N LYS B 62 2.24 34.21 -7.75
CA LYS B 62 1.01 34.65 -8.39
C LYS B 62 0.01 35.29 -7.40
N ASN B 63 -0.17 34.68 -6.20
CA ASN B 63 -1.18 35.08 -5.23
C ASN B 63 -0.72 36.04 -4.10
N GLY B 64 0.40 36.74 -4.31
CA GLY B 64 0.91 37.71 -3.36
C GLY B 64 1.06 37.24 -1.92
N GLN B 65 0.25 37.78 -1.04
CA GLN B 65 0.29 37.54 0.38
C GLN B 65 -0.54 36.35 0.79
N THR B 66 -1.28 35.80 -0.15
CA THR B 66 -2.06 34.62 0.10
C THR B 66 -1.22 33.44 0.60
N MET B 67 -1.64 32.85 1.68
CA MET B 67 -1.03 31.63 2.14
C MET B 67 -1.69 30.45 1.43
N ASN B 68 -1.02 29.98 0.40
CA ASN B 68 -1.55 29.04 -0.53
C ASN B 68 -1.79 27.66 0.00
N GLU B 69 -1.00 27.27 0.96
CA GLU B 69 -0.98 25.94 1.44
C GLU B 69 -1.71 25.84 2.73
N LYS B 70 -2.34 24.73 2.91
CA LYS B 70 -3.04 24.30 4.12
C LYS B 70 -2.77 22.83 4.34
N GLN B 71 -2.82 22.37 5.58
CA GLN B 71 -2.64 20.95 5.87
C GLN B 71 -4.03 20.40 6.22
N LEU B 72 -4.55 19.52 5.36
CA LEU B 72 -5.90 18.99 5.48
C LEU B 72 -5.92 17.45 5.54
N PHE B 73 -7.09 16.87 5.86
CA PHE B 73 -7.26 15.42 6.02
C PHE B 73 -8.02 14.77 4.86
N HIS B 74 -7.62 13.53 4.52
CA HIS B 74 -8.26 12.72 3.46
C HIS B 74 -8.32 11.26 3.90
N GLY B 75 -9.52 10.79 4.22
CA GLY B 75 -9.77 9.43 4.63
C GLY B 75 -10.03 8.53 3.44
N THR B 76 -9.27 7.44 3.34
CA THR B 76 -9.44 6.50 2.22
C THR B 76 -9.42 5.06 2.73
N ASP B 77 -9.77 4.10 1.84
CA ASP B 77 -9.73 2.67 2.11
C ASP B 77 -8.28 2.18 1.95
N ALA B 78 -7.94 1.07 2.62
CA ALA B 78 -6.60 0.47 2.60
C ALA B 78 -6.10 0.16 1.17
N GLY B 79 -7.03 -0.20 0.28
CA GLY B 79 -6.75 -0.53 -1.11
C GLY B 79 -6.21 0.63 -1.94
N SER B 80 -6.67 1.85 -1.63
CA SER B 80 -6.25 3.06 -2.33
C SER B 80 -4.91 3.61 -1.80
N VAL B 81 -4.46 3.18 -0.59
CA VAL B 81 -3.21 3.63 0.04
C VAL B 81 -2.00 3.43 -0.93
N PRO B 82 -1.74 2.27 -1.59
CA PRO B 82 -0.59 2.18 -2.50
C PRO B 82 -0.72 3.08 -3.73
N HIS B 83 -1.96 3.35 -4.19
CA HIS B 83 -2.26 4.21 -5.34
C HIS B 83 -1.92 5.67 -5.00
N VAL B 84 -2.32 6.11 -3.82
CA VAL B 84 -2.08 7.42 -3.29
C VAL B 84 -0.58 7.67 -3.08
N ASN B 85 0.10 6.74 -2.44
CA ASN B 85 1.52 6.82 -2.24
C ASN B 85 2.36 7.02 -3.51
N ARG B 86 1.93 6.43 -4.60
CA ARG B 86 2.59 6.58 -5.89
C ARG B 86 2.15 7.79 -6.72
N ASN B 87 0.86 7.98 -6.84
CA ASN B 87 0.28 8.94 -7.76
C ASN B 87 -0.36 10.18 -7.16
N GLY B 88 -0.50 10.21 -5.86
CA GLY B 88 -1.06 11.33 -5.17
C GLY B 88 -2.54 11.28 -5.27
N PHE B 89 -3.13 12.44 -5.48
CA PHE B 89 -4.55 12.53 -5.71
C PHE B 89 -4.85 12.91 -7.15
N ASN B 90 -3.84 12.77 -7.99
CA ASN B 90 -3.92 13.01 -9.41
C ASN B 90 -4.79 12.00 -10.13
N ARG B 91 -5.55 12.42 -11.10
CA ARG B 91 -6.34 11.44 -11.78
C ARG B 91 -5.90 11.21 -13.20
N SER B 92 -6.24 10.04 -13.71
CA SER B 92 -5.51 9.45 -14.81
C SER B 92 -6.25 9.40 -16.14
N TYR B 101 -8.66 21.41 -15.87
CA TYR B 101 -8.95 20.76 -14.61
C TYR B 101 -9.29 19.28 -14.69
N GLY B 102 -9.51 18.68 -13.52
CA GLY B 102 -9.80 17.28 -13.37
C GLY B 102 -11.01 17.09 -12.51
N LYS B 103 -11.35 15.85 -12.21
CA LYS B 103 -12.58 15.50 -11.50
C LYS B 103 -12.92 16.22 -10.23
N GLY B 104 -11.99 16.25 -9.28
CA GLY B 104 -12.28 16.80 -7.99
C GLY B 104 -12.02 15.87 -6.82
N THR B 105 -11.05 16.24 -5.98
CA THR B 105 -10.73 15.49 -4.77
C THR B 105 -11.00 16.31 -3.54
N TYR B 106 -11.67 15.70 -2.59
CA TYR B 106 -12.05 16.35 -1.33
C TYR B 106 -11.04 16.18 -0.21
N PHE B 107 -10.86 17.26 0.57
CA PHE B 107 -9.99 17.32 1.74
C PHE B 107 -10.75 18.04 2.85
N ALA B 108 -10.61 17.57 4.11
CA ALA B 108 -11.33 18.15 5.25
C ALA B 108 -10.41 18.90 6.19
N VAL B 109 -10.93 20.00 6.78
CA VAL B 109 -10.24 20.82 7.78
C VAL B 109 -10.08 19.98 9.05
N ASN B 110 -11.20 19.37 9.51
CA ASN B 110 -11.26 18.51 10.69
C ASN B 110 -11.12 17.05 10.30
N ALA B 111 -10.31 16.31 11.06
CA ALA B 111 -10.02 14.89 10.84
C ALA B 111 -11.25 13.99 11.04
N ASN B 112 -12.21 14.40 11.92
CA ASN B 112 -13.44 13.63 12.21
C ASN B 112 -14.30 13.43 10.97
N TYR B 113 -14.29 14.41 10.03
CA TYR B 113 -15.03 14.34 8.77
C TYR B 113 -14.46 13.20 7.93
N SER B 114 -13.11 13.17 7.77
CA SER B 114 -12.38 12.14 7.04
C SER B 114 -12.37 10.79 7.77
N ALA B 115 -12.62 10.81 9.11
CA ALA B 115 -12.66 9.60 9.95
C ALA B 115 -13.98 8.81 9.80
N ASN B 116 -14.89 9.26 8.92
CA ASN B 116 -16.16 8.57 8.67
C ASN B 116 -15.90 7.28 7.88
N ASP B 117 -16.56 6.16 8.27
CA ASP B 117 -16.42 4.83 7.66
C ASP B 117 -16.67 4.81 6.15
N THR B 118 -17.40 5.82 5.62
CA THR B 118 -17.68 5.95 4.18
C THR B 118 -16.41 6.42 3.45
N TYR B 119 -15.55 7.10 4.18
CA TYR B 119 -14.31 7.62 3.66
C TYR B 119 -13.19 6.70 4.02
N SER B 120 -12.88 6.63 5.28
CA SER B 120 -11.84 5.73 5.76
C SER B 120 -12.40 4.39 6.29
N ARG B 121 -12.67 3.52 5.35
CA ARG B 121 -13.18 2.20 5.53
C ARG B 121 -12.30 1.42 6.49
N PRO B 122 -12.89 0.74 7.44
CA PRO B 122 -12.10 -0.12 8.28
C PRO B 122 -11.74 -1.33 7.47
N ASP B 123 -10.48 -1.70 7.47
CA ASP B 123 -10.05 -2.94 6.86
C ASP B 123 -10.39 -4.20 7.69
N ALA B 124 -9.98 -5.38 7.22
CA ALA B 124 -10.29 -6.65 7.85
C ALA B 124 -9.93 -6.70 9.35
N ASN B 125 -8.90 -5.91 9.75
CA ASN B 125 -8.44 -5.85 11.14
C ASN B 125 -8.94 -4.57 11.85
N GLY B 126 -9.91 -3.88 11.24
CA GLY B 126 -10.51 -2.66 11.78
C GLY B 126 -9.64 -1.43 11.71
N ARG B 127 -8.60 -1.45 10.85
CA ARG B 127 -7.69 -0.33 10.68
C ARG B 127 -8.24 0.66 9.67
N LYS B 128 -8.30 1.95 10.08
CA LYS B 128 -8.77 3.08 9.29
C LYS B 128 -7.58 3.91 8.82
N HIS B 129 -7.68 4.54 7.65
CA HIS B 129 -6.56 5.26 7.05
C HIS B 129 -6.95 6.67 6.61
N VAL B 130 -6.34 7.68 7.26
CA VAL B 130 -6.56 9.10 6.99
C VAL B 130 -5.18 9.73 6.74
N TYR B 131 -5.05 10.45 5.63
CA TYR B 131 -3.83 11.14 5.25
C TYR B 131 -3.82 12.57 5.79
N TYR B 132 -2.61 13.08 6.17
CA TYR B 132 -2.41 14.48 6.54
C TYR B 132 -1.71 15.07 5.33
N VAL B 133 -2.49 15.77 4.51
CA VAL B 133 -2.09 16.25 3.20
C VAL B 133 -1.76 17.74 3.16
N ARG B 134 -0.69 18.08 2.42
CA ARG B 134 -0.31 19.45 2.11
C ARG B 134 -1.10 19.82 0.86
N VAL B 135 -2.09 20.74 0.98
CA VAL B 135 -2.98 21.09 -0.14
C VAL B 135 -2.78 22.54 -0.56
N LEU B 136 -2.64 22.79 -1.88
CA LEU B 136 -2.49 24.13 -2.44
C LEU B 136 -3.88 24.72 -2.73
N THR B 137 -4.56 25.12 -1.64
CA THR B 137 -5.91 25.69 -1.63
C THR B 137 -5.98 27.04 -2.37
N GLY B 138 -4.91 27.81 -2.38
CA GLY B 138 -4.84 29.05 -3.11
C GLY B 138 -5.94 30.04 -2.86
N ILE B 139 -6.51 30.55 -3.95
CA ILE B 139 -7.69 31.38 -3.96
C ILE B 139 -8.96 30.61 -4.30
N TYR B 140 -9.93 30.69 -3.43
CA TYR B 140 -11.03 29.82 -3.53
C TYR B 140 -12.36 30.50 -3.40
N THR B 141 -13.43 29.80 -3.71
CA THR B 141 -14.76 30.26 -3.47
C THR B 141 -15.72 29.13 -3.30
N HIS B 142 -16.93 29.46 -2.90
CA HIS B 142 -18.13 28.72 -3.17
C HIS B 142 -18.92 28.56 -1.94
N VAL B 149 -17.05 21.36 -10.46
CA VAL B 149 -16.03 21.90 -11.37
C VAL B 149 -15.52 23.26 -10.84
N PRO B 150 -14.25 23.68 -11.07
CA PRO B 150 -13.81 24.99 -10.58
C PRO B 150 -14.39 26.13 -11.44
N PRO B 151 -15.08 27.15 -10.84
CA PRO B 151 -15.65 28.21 -11.68
C PRO B 151 -14.65 29.31 -12.03
N SER B 152 -15.08 30.27 -12.87
CA SER B 152 -14.27 31.40 -13.33
C SER B 152 -13.98 32.38 -12.19
N LYS B 153 -12.73 32.85 -12.10
CA LYS B 153 -12.28 33.79 -11.07
C LYS B 153 -12.89 35.19 -11.29
N ASN B 154 -12.77 35.76 -12.50
CA ASN B 154 -13.31 37.09 -12.80
C ASN B 154 -13.96 37.18 -14.19
N PRO B 155 -15.00 37.98 -14.33
CA PRO B 155 -15.65 38.19 -15.61
C PRO B 155 -14.79 38.76 -16.72
N GLN B 156 -13.70 39.43 -16.42
CA GLN B 156 -12.84 39.93 -17.45
C GLN B 156 -11.85 38.93 -17.90
N ASN B 157 -11.82 37.77 -17.29
CA ASN B 157 -10.95 36.72 -17.72
C ASN B 157 -11.51 35.42 -17.27
N PRO B 158 -12.51 34.94 -17.96
CA PRO B 158 -13.24 33.77 -17.52
C PRO B 158 -12.52 32.43 -17.69
N THR B 159 -11.41 32.38 -18.45
CA THR B 159 -10.62 31.14 -18.52
C THR B 159 -9.79 30.95 -17.24
N ASP B 160 -9.54 32.05 -16.51
CA ASP B 160 -8.83 32.05 -15.23
C ASP B 160 -9.79 31.50 -14.17
N LEU B 161 -9.47 30.32 -13.63
CA LEU B 161 -10.33 29.63 -12.66
C LEU B 161 -9.75 29.66 -11.23
N TYR B 162 -10.56 29.30 -10.25
CA TYR B 162 -10.12 29.20 -8.88
C TYR B 162 -9.25 27.96 -8.63
N ASP B 163 -8.42 28.04 -7.60
CA ASP B 163 -7.56 26.97 -7.21
C ASP B 163 -8.38 25.87 -6.55
N THR B 164 -9.23 26.22 -5.62
CA THR B 164 -10.14 25.27 -5.02
C THR B 164 -11.53 25.85 -4.83
N VAL B 165 -12.48 25.03 -4.42
CA VAL B 165 -13.74 25.54 -3.93
C VAL B 165 -13.96 25.02 -2.52
N THR B 166 -14.82 25.67 -1.77
CA THR B 166 -15.04 25.34 -0.41
C THR B 166 -16.52 25.34 -0.07
N ASP B 167 -16.89 24.82 1.07
CA ASP B 167 -18.28 24.77 1.42
C ASP B 167 -18.78 26.07 2.01
N ASN B 168 -17.90 26.77 2.67
CA ASN B 168 -18.09 28.08 3.29
C ASN B 168 -16.78 28.88 3.23
N VAL B 169 -16.80 30.05 2.57
CA VAL B 169 -15.63 30.91 2.39
C VAL B 169 -15.14 31.49 3.76
N HIS B 170 -16.08 31.98 4.59
CA HIS B 170 -15.74 32.58 5.89
C HIS B 170 -15.36 31.52 6.95
N HIS B 171 -16.00 30.38 6.90
CA HIS B 171 -15.66 29.34 7.80
C HIS B 171 -15.62 27.96 7.15
N PRO B 172 -14.51 27.61 6.51
CA PRO B 172 -14.35 26.36 5.78
C PRO B 172 -14.31 25.07 6.59
N SER B 173 -14.94 24.07 6.02
CA SER B 173 -14.97 22.75 6.56
C SER B 173 -14.32 21.87 5.57
N LEU B 174 -14.35 22.26 4.32
CA LEU B 174 -13.68 21.50 3.31
C LEU B 174 -13.22 22.22 2.07
N PHE B 175 -12.41 21.54 1.29
CA PHE B 175 -11.79 22.10 0.12
C PHE B 175 -11.72 21.04 -0.93
N VAL B 176 -11.93 21.43 -2.16
CA VAL B 176 -11.91 20.51 -3.30
C VAL B 176 -10.79 20.92 -4.25
N ALA B 177 -9.81 20.03 -4.46
CA ALA B 177 -8.69 20.21 -5.39
C ALA B 177 -9.09 19.71 -6.77
N PHE B 178 -8.56 20.32 -7.84
CA PHE B 178 -8.95 19.93 -9.20
C PHE B 178 -7.77 19.73 -10.15
N TYR B 179 -6.57 20.22 -9.80
CA TYR B 179 -5.43 20.17 -10.71
C TYR B 179 -4.36 19.16 -10.28
N ASP B 180 -3.52 18.75 -11.25
CA ASP B 180 -2.41 17.83 -11.07
C ASP B 180 -1.36 18.41 -10.12
N TYR B 181 -0.87 17.57 -9.19
CA TYR B 181 0.16 17.85 -8.18
C TYR B 181 -0.21 19.06 -7.28
N GLN B 182 -1.51 19.18 -6.94
CA GLN B 182 -2.05 20.25 -6.09
C GLN B 182 -2.02 19.83 -4.62
N ALA B 183 -1.78 18.52 -4.36
CA ALA B 183 -1.74 17.96 -3.02
C ALA B 183 -0.62 16.93 -2.87
N TYR B 184 0.01 16.87 -1.67
CA TYR B 184 1.05 15.89 -1.38
C TYR B 184 0.67 15.08 -0.13
N PRO B 185 0.58 13.73 -0.24
CA PRO B 185 0.19 12.91 0.93
C PRO B 185 1.38 12.68 1.87
N GLU B 186 1.79 13.74 2.58
CA GLU B 186 2.94 13.77 3.48
C GLU B 186 2.89 12.73 4.59
N TYR B 187 1.76 12.62 5.30
CA TYR B 187 1.60 11.69 6.41
C TYR B 187 0.38 10.81 6.25
N LEU B 188 0.46 9.60 6.80
CA LEU B 188 -0.63 8.63 6.84
C LEU B 188 -0.85 8.20 8.27
N ILE B 189 -2.04 8.42 8.79
CA ILE B 189 -2.39 8.03 10.15
C ILE B 189 -3.22 6.75 10.06
N THR B 190 -2.72 5.68 10.71
CA THR B 190 -3.36 4.37 10.80
C THR B 190 -3.95 4.33 12.19
N PHE B 191 -5.27 4.14 12.30
CA PHE B 191 -5.95 4.18 13.58
C PHE B 191 -7.19 3.27 13.62
N ARG B 192 -7.84 3.20 14.80
CA ARG B 192 -9.04 2.39 15.05
C ARG B 192 -9.84 2.93 16.24
N LYS B 193 -11.10 2.49 16.38
CA LYS B 193 -12.03 2.87 17.45
C LYS B 193 -11.50 2.49 18.84
#